data_3CIO
#
_entry.id   3CIO
#
_cell.length_a   115.514
_cell.length_b   51.731
_cell.length_c   120.519
_cell.angle_alpha   90.00
_cell.angle_beta   114.57
_cell.angle_gamma   90.00
#
_symmetry.space_group_name_H-M   'C 1 2 1'
#
loop_
_entity.id
_entity.type
_entity.pdbx_description
1 polymer 'Tyrosine-protein kinase etk'
2 non-polymer 'CHLORIDE ION'
3 water water
#
_entity_poly.entity_id   1
_entity_poly.type   'polypeptide(L)'
_entity_poly.pdbx_seq_one_letter_code
;MGHHHHHHHHHHSSGHIEGRHIGSGVEAPEQLEEHGISVYATIPMSEWLDKRTRLRKKNLFSNQQRHRTKNIPFLAVDNP
ADSAVEAVRALRTSLHFAMMETENNILMITGATPDSGKTFVSSTLAAVIAQSDQKVLFIDADLRRGYSHNLFTVSNEHGL
SEYLAGKDELNKVIQHFGKGGFDVITRGQVPPNPSELLMRDRMRQLLEWANDHYDLVIVDTPPMLAVSDAAVVGRSVGTS
LLVARFGLNTAKEVSLSMQRLEQAGVNIKGAILNGVIKRASTAYSYGYNYYGYSYSEKE
;
_entity_poly.pdbx_strand_id   A,D
#
loop_
_chem_comp.id
_chem_comp.type
_chem_comp.name
_chem_comp.formula
CL non-polymer 'CHLORIDE ION' 'Cl -1'
#
# COMPACT_ATOMS: atom_id res chain seq x y z
N GLY A 25 -3.36 -39.28 0.59
CA GLY A 25 -2.43 -38.13 0.65
C GLY A 25 -1.87 -37.82 -0.72
N VAL A 26 -1.73 -36.54 -1.05
CA VAL A 26 -1.22 -36.13 -2.35
C VAL A 26 0.31 -36.18 -2.39
N GLU A 27 0.98 -35.07 -2.05
CA GLU A 27 2.44 -35.03 -2.00
C GLU A 27 3.21 -34.91 -3.31
N ALA A 28 2.56 -35.12 -4.46
CA ALA A 28 3.25 -35.04 -5.75
C ALA A 28 2.51 -34.23 -6.83
N PRO A 29 3.15 -33.17 -7.36
CA PRO A 29 2.57 -32.29 -8.40
C PRO A 29 1.93 -33.05 -9.54
N GLU A 30 2.61 -34.10 -10.00
CA GLU A 30 2.13 -34.92 -11.11
C GLU A 30 1.00 -35.83 -10.67
N GLN A 31 0.89 -36.02 -9.36
CA GLN A 31 -0.15 -36.86 -8.81
C GLN A 31 -1.51 -36.16 -8.95
N LEU A 32 -1.48 -34.94 -9.47
CA LEU A 32 -2.70 -34.15 -9.69
C LEU A 32 -2.92 -34.00 -11.19
N GLU A 33 -1.83 -33.82 -11.92
CA GLU A 33 -1.88 -33.67 -13.36
C GLU A 33 -2.61 -34.86 -13.98
N GLU A 34 -2.34 -36.05 -13.44
CA GLU A 34 -2.96 -37.29 -13.91
C GLU A 34 -4.48 -37.26 -13.76
N HIS A 35 -4.97 -36.45 -12.84
CA HIS A 35 -6.40 -36.31 -12.61
C HIS A 35 -6.92 -35.23 -13.54
N GLY A 36 -6.00 -34.68 -14.32
CA GLY A 36 -6.33 -33.62 -15.27
C GLY A 36 -6.16 -32.23 -14.65
N ILE A 37 -5.96 -32.21 -13.33
CA ILE A 37 -5.80 -30.96 -12.58
C ILE A 37 -4.44 -30.29 -12.80
N SER A 38 -4.50 -29.03 -13.21
CA SER A 38 -3.31 -28.23 -13.46
C SER A 38 -2.84 -27.51 -12.20
N VAL A 39 -1.57 -27.71 -11.86
CA VAL A 39 -0.99 -27.09 -10.66
C VAL A 39 -0.18 -25.83 -11.01
N TYR A 40 -0.71 -24.67 -10.65
CA TYR A 40 -0.04 -23.40 -10.92
C TYR A 40 1.21 -23.18 -10.09
N ALA A 41 1.36 -23.92 -9.00
CA ALA A 41 2.55 -23.78 -8.16
C ALA A 41 2.67 -24.83 -7.05
N THR A 42 3.91 -25.09 -6.68
CA THR A 42 4.26 -26.03 -5.63
C THR A 42 5.04 -25.19 -4.63
N ILE A 43 4.57 -25.17 -3.39
CA ILE A 43 5.21 -24.35 -2.36
C ILE A 43 5.73 -25.19 -1.18
N PRO A 44 7.04 -25.11 -0.92
CA PRO A 44 7.65 -25.85 0.18
C PRO A 44 7.37 -25.11 1.48
N MET A 45 7.37 -25.83 2.60
CA MET A 45 7.13 -25.19 3.88
C MET A 45 8.41 -24.73 4.55
N SER A 46 8.37 -23.50 5.04
CA SER A 46 9.49 -22.86 5.71
C SER A 46 9.68 -23.31 7.15
N GLU A 47 10.89 -23.74 7.48
CA GLU A 47 11.20 -24.18 8.84
C GLU A 47 11.49 -22.97 9.72
N TRP A 48 12.07 -21.93 9.12
CA TRP A 48 12.37 -20.70 9.84
C TRP A 48 11.07 -20.10 10.36
N LEU A 49 9.97 -20.40 9.66
CA LEU A 49 8.66 -19.89 10.01
C LEU A 49 8.07 -20.63 11.22
N ASP A 50 8.56 -21.83 11.49
CA ASP A 50 8.08 -22.58 12.65
C ASP A 50 8.88 -22.13 13.87
N LYS A 51 10.16 -21.83 13.65
CA LYS A 51 11.01 -21.32 14.72
C LYS A 51 10.31 -20.03 15.12
N ARG A 52 9.70 -19.38 14.15
CA ARG A 52 8.98 -18.13 14.32
C ARG A 52 9.87 -17.04 14.90
N GLN A 64 16.24 6.80 24.16
CA GLN A 64 16.14 5.31 24.18
C GLN A 64 14.68 4.87 24.33
N GLN A 65 13.81 5.47 23.52
CA GLN A 65 12.39 5.15 23.55
C GLN A 65 11.86 4.67 22.20
N ARG A 66 11.42 5.60 21.36
CA ARG A 66 10.88 5.32 20.03
C ARG A 66 9.60 4.48 20.11
N HIS A 67 8.64 4.77 19.24
CA HIS A 67 7.37 4.04 19.24
C HIS A 67 7.03 3.48 17.85
N ARG A 68 6.52 2.25 17.85
CA ARG A 68 6.15 1.57 16.61
C ARG A 68 4.86 0.77 16.80
N THR A 69 4.53 -0.09 15.84
CA THR A 69 3.32 -0.89 15.91
C THR A 69 3.51 -2.25 15.24
N LYS A 70 2.46 -3.06 15.24
CA LYS A 70 2.48 -4.38 14.62
C LYS A 70 3.42 -5.36 15.34
N ASN A 71 3.18 -6.65 15.14
CA ASN A 71 4.00 -7.69 15.75
C ASN A 71 4.47 -8.72 14.72
N ILE A 72 5.28 -9.67 15.17
CA ILE A 72 5.82 -10.72 14.31
C ILE A 72 4.77 -11.78 14.03
N PRO A 73 4.88 -12.48 12.88
CA PRO A 73 5.90 -12.35 11.84
C PRO A 73 5.28 -12.48 10.43
N PHE A 74 5.81 -11.74 9.46
CA PHE A 74 5.29 -11.83 8.09
C PHE A 74 6.42 -12.25 7.16
N LEU A 75 6.47 -13.54 6.87
CA LEU A 75 7.50 -14.12 6.02
C LEU A 75 7.89 -13.35 4.76
N ALA A 76 6.91 -12.90 4.00
CA ALA A 76 7.19 -12.17 2.77
C ALA A 76 8.15 -11.00 2.95
N VAL A 77 7.97 -10.21 4.00
CA VAL A 77 8.86 -9.07 4.20
C VAL A 77 10.04 -9.38 5.11
N ASP A 78 9.84 -10.27 6.08
CA ASP A 78 10.89 -10.64 7.01
C ASP A 78 12.02 -11.38 6.29
N ASN A 79 11.73 -12.59 5.81
CA ASN A 79 12.73 -13.38 5.08
C ASN A 79 12.29 -13.52 3.62
N PRO A 80 12.64 -12.53 2.78
CA PRO A 80 12.29 -12.52 1.36
C PRO A 80 12.93 -13.63 0.53
N ALA A 81 14.16 -14.00 0.89
CA ALA A 81 14.90 -15.03 0.17
C ALA A 81 14.40 -16.44 0.44
N ASP A 82 13.50 -16.57 1.40
CA ASP A 82 12.94 -17.86 1.78
C ASP A 82 12.49 -18.67 0.57
N SER A 83 12.63 -19.99 0.65
CA SER A 83 12.24 -20.87 -0.45
C SER A 83 10.73 -20.90 -0.68
N ALA A 84 9.96 -20.70 0.38
CA ALA A 84 8.50 -20.71 0.27
C ALA A 84 8.04 -19.47 -0.50
N VAL A 85 8.72 -18.35 -0.27
CA VAL A 85 8.42 -17.09 -0.92
C VAL A 85 8.80 -17.11 -2.40
N GLU A 86 9.98 -17.64 -2.71
CA GLU A 86 10.45 -17.73 -4.10
C GLU A 86 9.43 -18.48 -4.95
N ALA A 87 8.78 -19.47 -4.35
CA ALA A 87 7.80 -20.27 -5.06
C ALA A 87 6.53 -19.46 -5.32
N VAL A 88 6.17 -18.59 -4.37
CA VAL A 88 4.98 -17.76 -4.52
C VAL A 88 5.20 -16.80 -5.68
N ARG A 89 6.44 -16.37 -5.88
CA ARG A 89 6.77 -15.46 -6.97
C ARG A 89 6.54 -16.21 -8.28
N ALA A 90 6.82 -17.51 -8.25
CA ALA A 90 6.62 -18.36 -9.42
C ALA A 90 5.13 -18.49 -9.64
N LEU A 91 4.37 -18.37 -8.56
CA LEU A 91 2.92 -18.44 -8.60
C LEU A 91 2.45 -17.15 -9.28
N ARG A 92 3.18 -16.06 -9.03
CA ARG A 92 2.85 -14.78 -9.62
C ARG A 92 3.06 -14.86 -11.12
N THR A 93 4.26 -15.28 -11.51
CA THR A 93 4.61 -15.41 -12.92
C THR A 93 3.59 -16.28 -13.66
N SER A 94 3.03 -17.27 -12.98
CA SER A 94 2.02 -18.14 -13.59
C SER A 94 0.70 -17.43 -13.80
N LEU A 95 0.24 -16.70 -12.79
CA LEU A 95 -1.01 -15.95 -12.91
C LEU A 95 -0.85 -14.86 -13.94
N HIS A 96 0.33 -14.25 -14.00
CA HIS A 96 0.59 -13.18 -14.96
C HIS A 96 0.13 -13.63 -16.35
N PHE A 97 0.53 -14.84 -16.74
CA PHE A 97 0.15 -15.40 -18.01
C PHE A 97 -1.33 -15.79 -17.91
N ALA A 98 -1.61 -16.79 -17.08
CA ALA A 98 -2.97 -17.26 -16.88
C ALA A 98 -3.96 -16.11 -16.92
N MET A 99 -3.76 -15.12 -16.04
CA MET A 99 -4.64 -13.96 -15.97
C MET A 99 -4.32 -12.94 -17.05
N MET A 100 -4.31 -13.41 -18.30
CA MET A 100 -4.05 -12.51 -19.42
C MET A 100 -5.40 -12.32 -20.11
N GLU A 101 -5.74 -11.06 -20.34
CA GLU A 101 -6.99 -10.71 -21.00
C GLU A 101 -8.16 -11.57 -20.56
N THR A 102 -8.68 -11.27 -19.37
CA THR A 102 -9.83 -11.95 -18.78
C THR A 102 -10.72 -10.82 -18.30
N GLU A 103 -10.18 -9.60 -18.41
CA GLU A 103 -10.83 -8.36 -18.01
C GLU A 103 -11.04 -8.21 -16.50
N ASN A 104 -11.44 -9.30 -15.85
CA ASN A 104 -11.66 -9.31 -14.41
C ASN A 104 -10.33 -9.51 -13.70
N ASN A 105 -10.10 -8.78 -12.61
CA ASN A 105 -8.85 -8.91 -11.88
C ASN A 105 -9.03 -9.36 -10.44
N ILE A 106 -10.09 -10.14 -10.22
CA ILE A 106 -10.39 -10.69 -8.92
C ILE A 106 -9.97 -12.15 -8.97
N LEU A 107 -9.14 -12.55 -8.02
CA LEU A 107 -8.63 -13.90 -7.93
C LEU A 107 -9.10 -14.48 -6.61
N MET A 108 -9.94 -15.52 -6.67
CA MET A 108 -10.44 -16.14 -5.46
C MET A 108 -9.55 -17.32 -5.05
N ILE A 109 -9.10 -17.33 -3.81
CA ILE A 109 -8.28 -18.44 -3.33
C ILE A 109 -9.09 -19.21 -2.31
N THR A 110 -9.05 -20.53 -2.43
CA THR A 110 -9.81 -21.39 -1.53
C THR A 110 -9.09 -22.72 -1.45
N GLY A 111 -9.52 -23.55 -0.49
CA GLY A 111 -8.90 -24.85 -0.36
C GLY A 111 -9.90 -25.98 -0.38
N ALA A 112 -9.40 -27.19 -0.44
CA ALA A 112 -10.28 -28.35 -0.43
C ALA A 112 -10.92 -28.43 0.94
N THR A 113 -10.06 -28.49 1.97
CA THR A 113 -10.52 -28.62 3.34
C THR A 113 -9.78 -27.65 4.27
N PRO A 114 -10.09 -27.70 5.58
CA PRO A 114 -9.46 -26.84 6.59
C PRO A 114 -7.96 -27.15 6.79
N ASP A 115 -7.20 -26.14 7.21
CA ASP A 115 -5.77 -26.28 7.45
C ASP A 115 -4.95 -26.62 6.19
N SER A 116 -5.22 -25.90 5.12
CA SER A 116 -4.53 -26.10 3.85
C SER A 116 -3.40 -25.10 3.69
N GLY A 117 -3.37 -24.11 4.56
CA GLY A 117 -2.35 -23.07 4.49
C GLY A 117 -2.69 -22.09 3.41
N LYS A 118 -3.97 -21.99 3.07
CA LYS A 118 -4.41 -21.09 2.01
C LYS A 118 -4.22 -19.62 2.37
N THR A 119 -4.38 -19.29 3.65
CA THR A 119 -4.20 -17.90 4.06
C THR A 119 -2.72 -17.53 3.94
N PHE A 120 -1.84 -18.52 4.12
CA PHE A 120 -0.43 -18.25 4.00
C PHE A 120 -0.09 -17.92 2.54
N VAL A 121 -0.57 -18.78 1.66
CA VAL A 121 -0.34 -18.62 0.23
C VAL A 121 -0.91 -17.29 -0.26
N SER A 122 -2.17 -17.00 0.10
CA SER A 122 -2.80 -15.79 -0.37
C SER A 122 -2.16 -14.54 0.18
N SER A 123 -1.94 -14.48 1.49
CA SER A 123 -1.30 -13.31 2.08
C SER A 123 0.12 -13.09 1.55
N THR A 124 0.88 -14.16 1.29
CA THR A 124 2.25 -14.03 0.77
C THR A 124 2.20 -13.55 -0.68
N LEU A 125 1.21 -14.01 -1.42
CA LEU A 125 1.02 -13.62 -2.81
C LEU A 125 0.70 -12.13 -2.88
N ALA A 126 -0.18 -11.69 -2.00
CA ALA A 126 -0.55 -10.29 -1.95
C ALA A 126 0.69 -9.41 -1.73
N ALA A 127 1.52 -9.81 -0.76
CA ALA A 127 2.75 -9.07 -0.45
C ALA A 127 3.68 -9.07 -1.65
N VAL A 128 3.85 -10.23 -2.27
CA VAL A 128 4.72 -10.34 -3.43
C VAL A 128 4.27 -9.49 -4.61
N ILE A 129 2.99 -9.55 -4.95
CA ILE A 129 2.46 -8.75 -6.05
C ILE A 129 2.53 -7.24 -5.74
N ALA A 130 2.07 -6.85 -4.55
CA ALA A 130 2.13 -5.44 -4.16
C ALA A 130 3.56 -4.92 -4.26
N GLN A 131 4.50 -5.72 -3.79
CA GLN A 131 5.91 -5.36 -3.82
C GLN A 131 6.36 -4.98 -5.23
N SER A 132 5.67 -5.51 -6.24
CA SER A 132 6.00 -5.24 -7.64
C SER A 132 5.45 -3.92 -8.11
N ASP A 133 4.98 -3.09 -7.19
CA ASP A 133 4.39 -1.80 -7.54
C ASP A 133 3.00 -2.02 -8.13
N GLN A 134 2.21 -2.86 -7.48
CA GLN A 134 0.87 -3.17 -7.90
C GLN A 134 -0.11 -2.88 -6.76
N LYS A 135 -1.31 -2.40 -7.11
CA LYS A 135 -2.33 -2.11 -6.11
C LYS A 135 -3.13 -3.37 -5.82
N VAL A 136 -3.01 -3.90 -4.60
CA VAL A 136 -3.78 -5.10 -4.31
C VAL A 136 -4.68 -4.91 -3.11
N LEU A 137 -5.84 -5.56 -3.19
CA LEU A 137 -6.83 -5.52 -2.14
C LEU A 137 -7.03 -6.97 -1.74
N PHE A 138 -6.92 -7.23 -0.43
CA PHE A 138 -7.09 -8.58 0.07
C PHE A 138 -8.35 -8.68 0.90
N ILE A 139 -9.27 -9.57 0.55
CA ILE A 139 -10.43 -9.66 1.39
C ILE A 139 -10.62 -11.06 1.96
N ASP A 140 -10.81 -11.11 3.28
CA ASP A 140 -11.00 -12.35 3.99
C ASP A 140 -12.50 -12.65 4.04
N ALA A 141 -12.92 -13.51 3.12
CA ALA A 141 -14.32 -13.91 2.99
C ALA A 141 -14.73 -15.09 3.87
N ASP A 142 -13.84 -15.54 4.75
CA ASP A 142 -14.19 -16.62 5.66
C ASP A 142 -14.89 -15.92 6.83
N LEU A 143 -16.18 -15.62 6.65
CA LEU A 143 -16.95 -14.92 7.68
C LEU A 143 -17.14 -15.67 8.99
N ARG A 144 -16.81 -16.95 9.01
CA ARG A 144 -16.94 -17.74 10.22
C ARG A 144 -15.59 -17.95 10.91
N ARG A 145 -14.55 -18.27 10.15
CA ARG A 145 -13.25 -18.53 10.76
C ARG A 145 -12.04 -17.79 10.18
N GLY A 146 -12.25 -16.65 9.53
CA GLY A 146 -11.12 -15.92 8.99
C GLY A 146 -10.34 -15.35 10.16
N TYR A 147 -9.01 -15.42 10.10
CA TYR A 147 -8.17 -14.91 11.19
C TYR A 147 -7.06 -14.00 10.70
N SER A 148 -7.18 -13.54 9.47
CA SER A 148 -6.17 -12.67 8.87
C SER A 148 -6.01 -11.35 9.63
N HIS A 149 -6.99 -11.00 10.47
CA HIS A 149 -6.86 -9.75 11.23
C HIS A 149 -5.77 -9.95 12.27
N ASN A 150 -5.64 -11.18 12.75
CA ASN A 150 -4.61 -11.54 13.71
C ASN A 150 -3.25 -11.56 13.04
N LEU A 151 -3.19 -12.13 11.84
CA LEU A 151 -1.93 -12.21 11.09
C LEU A 151 -1.42 -10.83 10.68
N PHE A 152 -2.34 -9.95 10.29
CA PHE A 152 -1.97 -8.60 9.88
C PHE A 152 -1.98 -7.67 11.07
N THR A 153 -2.32 -8.21 12.24
CA THR A 153 -2.39 -7.43 13.47
C THR A 153 -3.12 -6.10 13.17
N VAL A 154 -4.37 -6.24 12.72
CA VAL A 154 -5.20 -5.09 12.38
C VAL A 154 -6.53 -5.27 13.10
N SER A 155 -7.30 -4.19 13.22
CA SER A 155 -8.59 -4.24 13.91
C SER A 155 -9.64 -5.07 13.18
N ASN A 156 -10.55 -5.67 13.94
CA ASN A 156 -11.61 -6.49 13.36
C ASN A 156 -13.01 -5.93 13.66
N GLU A 157 -13.05 -4.70 14.19
CA GLU A 157 -14.32 -4.08 14.53
C GLU A 157 -15.21 -3.89 13.29
N HIS A 158 -14.62 -3.39 12.21
CA HIS A 158 -15.36 -3.15 10.96
C HIS A 158 -14.73 -3.97 9.85
N GLY A 159 -15.45 -4.99 9.38
CA GLY A 159 -14.93 -5.83 8.32
C GLY A 159 -16.02 -6.21 7.35
N LEU A 160 -15.81 -7.29 6.63
CA LEU A 160 -16.75 -7.75 5.61
C LEU A 160 -18.21 -7.94 6.05
N SER A 161 -18.42 -8.52 7.21
CA SER A 161 -19.78 -8.76 7.68
C SER A 161 -20.58 -7.49 7.97
N GLU A 162 -19.92 -6.48 8.54
CA GLU A 162 -20.57 -5.21 8.88
C GLU A 162 -21.08 -4.51 7.61
N TYR A 163 -20.26 -4.55 6.57
CA TYR A 163 -20.58 -3.95 5.28
C TYR A 163 -21.76 -4.67 4.60
N LEU A 164 -21.61 -5.96 4.35
CA LEU A 164 -22.67 -6.73 3.70
C LEU A 164 -23.99 -6.60 4.45
N ALA A 165 -23.92 -6.43 5.77
CA ALA A 165 -25.12 -6.28 6.58
C ALA A 165 -25.70 -4.87 6.43
N GLY A 166 -24.91 -3.97 5.85
CA GLY A 166 -25.38 -2.61 5.66
C GLY A 166 -25.04 -1.65 6.79
N LYS A 167 -24.35 -2.14 7.82
CA LYS A 167 -23.98 -1.27 8.92
C LYS A 167 -22.84 -0.31 8.57
N ASP A 168 -21.81 -0.78 7.88
CA ASP A 168 -20.67 0.06 7.52
C ASP A 168 -20.46 0.35 6.04
N GLU A 169 -20.13 1.61 5.72
CA GLU A 169 -19.85 2.02 4.35
C GLU A 169 -18.54 1.33 3.94
N LEU A 170 -18.35 1.15 2.64
CA LEU A 170 -17.15 0.47 2.15
C LEU A 170 -15.81 1.04 2.61
N ASN A 171 -15.59 2.34 2.43
CA ASN A 171 -14.32 2.95 2.81
C ASN A 171 -13.99 2.83 4.30
N LYS A 172 -14.99 2.50 5.10
CA LYS A 172 -14.79 2.35 6.53
C LYS A 172 -14.28 0.95 6.90
N VAL A 173 -14.42 -0.01 6.00
CA VAL A 173 -14.00 -1.37 6.25
C VAL A 173 -12.72 -1.78 5.52
N ILE A 174 -12.17 -0.89 4.73
CA ILE A 174 -10.94 -1.13 4.01
C ILE A 174 -9.84 -0.43 4.80
N GLN A 175 -8.87 -1.20 5.25
CA GLN A 175 -7.76 -0.64 5.96
C GLN A 175 -6.52 -1.05 5.24
N HIS A 176 -5.37 -0.60 5.75
CA HIS A 176 -4.08 -0.89 5.12
C HIS A 176 -3.18 -1.75 5.97
N PHE A 177 -2.58 -2.78 5.38
CA PHE A 177 -1.65 -3.62 6.14
C PHE A 177 -0.26 -3.04 5.91
N GLY A 178 0.16 -2.20 6.85
CA GLY A 178 1.45 -1.54 6.76
C GLY A 178 2.65 -2.36 6.34
N LYS A 179 2.96 -3.40 7.10
CA LYS A 179 4.10 -4.26 6.82
C LYS A 179 4.06 -4.94 5.43
N GLY A 180 2.87 -5.28 4.96
CA GLY A 180 2.77 -5.91 3.65
C GLY A 180 2.67 -4.92 2.52
N GLY A 181 2.16 -3.73 2.81
CA GLY A 181 2.04 -2.73 1.76
C GLY A 181 0.82 -2.91 0.87
N PHE A 182 -0.24 -3.51 1.40
CA PHE A 182 -1.46 -3.69 0.63
C PHE A 182 -2.70 -3.49 1.49
N ASP A 183 -3.81 -3.21 0.84
CA ASP A 183 -5.07 -2.94 1.52
C ASP A 183 -5.81 -4.23 1.88
N VAL A 184 -6.48 -4.23 3.03
CA VAL A 184 -7.17 -5.43 3.49
C VAL A 184 -8.55 -5.16 4.07
N ILE A 185 -9.42 -6.17 3.96
CA ILE A 185 -10.75 -6.10 4.54
C ILE A 185 -10.85 -7.36 5.35
N THR A 186 -10.93 -7.22 6.65
CA THR A 186 -11.02 -8.36 7.54
C THR A 186 -12.44 -8.94 7.48
N ARG A 187 -12.66 -10.06 8.15
CA ARG A 187 -13.99 -10.66 8.13
C ARG A 187 -15.00 -9.86 8.94
N GLY A 188 -14.54 -9.21 10.00
CA GLY A 188 -15.45 -8.45 10.84
C GLY A 188 -16.01 -9.38 11.90
N GLN A 189 -17.05 -8.94 12.60
CA GLN A 189 -17.64 -9.77 13.65
C GLN A 189 -18.51 -10.88 13.11
N VAL A 190 -18.20 -12.11 13.50
CA VAL A 190 -18.94 -13.28 13.03
C VAL A 190 -20.43 -13.00 13.09
N PRO A 191 -21.08 -13.01 11.92
CA PRO A 191 -22.52 -12.76 11.77
C PRO A 191 -23.35 -14.01 12.02
N PRO A 192 -24.65 -13.81 12.33
CA PRO A 192 -25.64 -14.85 12.61
C PRO A 192 -26.07 -15.60 11.34
N ASN A 193 -25.82 -14.98 10.20
CA ASN A 193 -26.20 -15.51 8.91
C ASN A 193 -25.07 -15.34 7.88
N PRO A 194 -23.96 -16.06 8.07
CA PRO A 194 -22.86 -15.92 7.11
C PRO A 194 -23.30 -16.01 5.66
N SER A 195 -23.81 -17.17 5.27
CA SER A 195 -24.22 -17.42 3.90
C SER A 195 -25.23 -16.45 3.31
N GLU A 196 -26.21 -16.02 4.08
CA GLU A 196 -27.18 -15.08 3.55
C GLU A 196 -26.47 -13.79 3.15
N LEU A 197 -25.54 -13.34 3.99
CA LEU A 197 -24.81 -12.12 3.72
C LEU A 197 -23.98 -12.16 2.44
N LEU A 198 -23.33 -13.28 2.17
CA LEU A 198 -22.52 -13.40 0.96
C LEU A 198 -23.32 -13.29 -0.33
N MET A 199 -24.62 -13.55 -0.25
CA MET A 199 -25.49 -13.48 -1.41
C MET A 199 -26.11 -12.12 -1.62
N ARG A 200 -25.96 -11.23 -0.65
CA ARG A 200 -26.51 -9.88 -0.79
C ARG A 200 -25.83 -9.19 -1.94
N ASP A 201 -26.55 -8.24 -2.53
CA ASP A 201 -26.02 -7.52 -3.68
C ASP A 201 -24.72 -6.78 -3.40
N ARG A 202 -24.50 -6.42 -2.14
CA ARG A 202 -23.31 -5.67 -1.76
C ARG A 202 -22.00 -6.40 -1.99
N MET A 203 -22.05 -7.72 -2.07
CA MET A 203 -20.83 -8.47 -2.34
C MET A 203 -20.46 -8.18 -3.78
N ARG A 204 -21.48 -8.07 -4.64
CA ARG A 204 -21.29 -7.78 -6.06
C ARG A 204 -20.78 -6.36 -6.28
N GLN A 205 -21.38 -5.41 -5.58
CA GLN A 205 -20.97 -4.01 -5.68
C GLN A 205 -19.52 -3.90 -5.24
N LEU A 206 -19.15 -4.60 -4.18
CA LEU A 206 -17.79 -4.59 -3.67
C LEU A 206 -16.80 -5.11 -4.70
N LEU A 207 -17.09 -6.26 -5.29
CA LEU A 207 -16.16 -6.82 -6.26
C LEU A 207 -16.06 -5.99 -7.54
N GLU A 208 -17.18 -5.40 -7.95
CA GLU A 208 -17.18 -4.58 -9.14
C GLU A 208 -16.38 -3.32 -8.87
N TRP A 209 -16.63 -2.71 -7.72
CA TRP A 209 -15.93 -1.49 -7.30
C TRP A 209 -14.44 -1.77 -7.18
N ALA A 210 -14.12 -2.79 -6.39
CA ALA A 210 -12.75 -3.21 -6.15
C ALA A 210 -11.98 -3.45 -7.44
N ASN A 211 -12.65 -4.05 -8.42
CA ASN A 211 -12.02 -4.35 -9.70
C ASN A 211 -11.62 -3.13 -10.52
N ASP A 212 -12.15 -1.96 -10.17
CA ASP A 212 -11.81 -0.73 -10.89
C ASP A 212 -10.78 0.09 -10.15
N HIS A 213 -10.52 -0.25 -8.89
CA HIS A 213 -9.55 0.52 -8.13
C HIS A 213 -8.30 -0.20 -7.74
N TYR A 214 -8.27 -1.51 -7.94
CA TYR A 214 -7.08 -2.30 -7.63
C TYR A 214 -6.64 -3.12 -8.82
N ASP A 215 -5.33 -3.28 -8.96
CA ASP A 215 -4.79 -4.06 -10.06
C ASP A 215 -5.05 -5.56 -9.84
N LEU A 216 -5.15 -5.97 -8.57
CA LEU A 216 -5.41 -7.37 -8.24
C LEU A 216 -6.17 -7.46 -6.93
N VAL A 217 -7.29 -8.17 -6.95
CA VAL A 217 -8.11 -8.34 -5.74
C VAL A 217 -8.09 -9.80 -5.33
N ILE A 218 -7.51 -10.09 -4.17
CA ILE A 218 -7.45 -11.47 -3.71
C ILE A 218 -8.51 -11.76 -2.68
N VAL A 219 -9.33 -12.77 -2.95
CA VAL A 219 -10.41 -13.17 -2.04
C VAL A 219 -10.13 -14.54 -1.44
N ASP A 220 -9.91 -14.58 -0.13
CA ASP A 220 -9.65 -15.82 0.59
C ASP A 220 -11.01 -16.33 1.09
N THR A 221 -11.38 -17.53 0.66
CA THR A 221 -12.68 -18.12 1.02
C THR A 221 -12.57 -19.46 1.72
N PRO A 222 -13.62 -19.89 2.45
CA PRO A 222 -13.69 -21.18 3.19
C PRO A 222 -13.52 -22.36 2.23
N PRO A 223 -13.06 -23.51 2.75
CA PRO A 223 -12.88 -24.67 1.87
C PRO A 223 -14.19 -25.11 1.24
N MET A 224 -14.14 -25.61 0.01
CA MET A 224 -15.37 -26.04 -0.63
C MET A 224 -15.99 -27.24 0.08
N LEU A 225 -15.16 -28.12 0.64
CA LEU A 225 -15.66 -29.29 1.35
C LEU A 225 -16.13 -28.96 2.75
N ALA A 226 -16.50 -27.71 2.98
CA ALA A 226 -16.96 -27.28 4.29
C ALA A 226 -18.19 -26.38 4.20
N VAL A 227 -18.26 -25.54 3.15
CA VAL A 227 -19.38 -24.64 2.93
C VAL A 227 -19.45 -24.22 1.48
N SER A 228 -20.64 -23.87 1.02
CA SER A 228 -20.87 -23.45 -0.36
C SER A 228 -20.37 -22.03 -0.66
N ASP A 229 -20.12 -21.25 0.40
CA ASP A 229 -19.65 -19.87 0.29
C ASP A 229 -18.74 -19.57 -0.90
N ALA A 230 -17.75 -20.42 -1.16
CA ALA A 230 -16.84 -20.20 -2.29
C ALA A 230 -17.55 -20.28 -3.65
N ALA A 231 -18.69 -20.97 -3.69
CA ALA A 231 -19.44 -21.08 -4.92
C ALA A 231 -20.28 -19.80 -5.15
N VAL A 232 -20.81 -19.21 -4.09
CA VAL A 232 -21.59 -17.99 -4.26
C VAL A 232 -20.70 -16.79 -4.61
N VAL A 233 -19.46 -16.80 -4.14
CA VAL A 233 -18.53 -15.72 -4.44
C VAL A 233 -17.66 -16.04 -5.64
N GLY A 234 -17.41 -17.33 -5.86
CA GLY A 234 -16.58 -17.73 -6.98
C GLY A 234 -17.22 -17.39 -8.31
N ARG A 235 -18.47 -16.96 -8.26
CA ARG A 235 -19.23 -16.61 -9.47
C ARG A 235 -19.14 -15.14 -9.90
N SER A 236 -18.26 -14.38 -9.27
CA SER A 236 -18.09 -12.97 -9.61
C SER A 236 -16.60 -12.75 -9.77
N VAL A 237 -15.88 -13.86 -9.91
CA VAL A 237 -14.44 -13.80 -9.99
C VAL A 237 -13.88 -14.32 -11.31
N GLY A 238 -12.80 -13.70 -11.76
CA GLY A 238 -12.19 -14.13 -13.00
C GLY A 238 -11.50 -15.46 -12.80
N THR A 239 -10.57 -15.51 -11.87
CA THR A 239 -9.82 -16.74 -11.62
C THR A 239 -10.21 -17.39 -10.28
N SER A 240 -9.76 -18.61 -10.08
CA SER A 240 -10.00 -19.37 -8.85
C SER A 240 -8.95 -20.43 -8.75
N LEU A 241 -8.24 -20.44 -7.63
CA LEU A 241 -7.20 -21.41 -7.38
C LEU A 241 -7.53 -22.15 -6.10
N LEU A 242 -7.51 -23.47 -6.17
CA LEU A 242 -7.78 -24.28 -5.00
C LEU A 242 -6.45 -24.70 -4.41
N VAL A 243 -6.29 -24.57 -3.10
CA VAL A 243 -5.03 -24.97 -2.50
C VAL A 243 -5.18 -26.24 -1.66
N ALA A 244 -4.38 -27.23 -2.01
CA ALA A 244 -4.36 -28.52 -1.34
C ALA A 244 -3.04 -28.67 -0.60
N ARG A 245 -3.08 -29.23 0.60
CA ARG A 245 -1.87 -29.38 1.37
C ARG A 245 -1.16 -30.71 1.13
N PHE A 246 0.15 -30.64 0.98
CA PHE A 246 1.02 -31.80 0.77
C PHE A 246 0.84 -32.81 1.89
N GLY A 247 0.33 -33.99 1.53
CA GLY A 247 0.13 -35.04 2.52
C GLY A 247 -1.22 -35.12 3.16
N LEU A 248 -1.81 -33.97 3.47
CA LEU A 248 -3.13 -33.93 4.11
C LEU A 248 -4.26 -34.25 3.14
N ASN A 249 -4.21 -33.66 1.95
CA ASN A 249 -5.26 -33.86 0.97
C ASN A 249 -5.04 -35.01 -0.02
N THR A 250 -6.10 -35.78 -0.23
CA THR A 250 -6.09 -36.90 -1.16
C THR A 250 -6.47 -36.32 -2.51
N ALA A 251 -5.71 -36.64 -3.55
CA ALA A 251 -5.99 -36.13 -4.88
C ALA A 251 -7.47 -36.25 -5.27
N LYS A 252 -8.22 -37.07 -4.55
CA LYS A 252 -9.64 -37.24 -4.87
C LYS A 252 -10.42 -35.97 -4.58
N GLU A 253 -10.48 -35.59 -3.30
CA GLU A 253 -11.20 -34.39 -2.87
C GLU A 253 -10.82 -33.11 -3.62
N VAL A 254 -9.60 -33.04 -4.13
CA VAL A 254 -9.19 -31.84 -4.86
C VAL A 254 -9.90 -31.80 -6.22
N SER A 255 -10.44 -32.95 -6.64
CA SER A 255 -11.17 -33.06 -7.89
C SER A 255 -12.63 -32.89 -7.53
N LEU A 256 -13.00 -33.46 -6.39
CA LEU A 256 -14.36 -33.39 -5.89
C LEU A 256 -14.70 -31.95 -5.56
N SER A 257 -13.67 -31.18 -5.18
CA SER A 257 -13.85 -29.77 -4.85
C SER A 257 -14.03 -28.98 -6.14
N MET A 258 -13.08 -29.15 -7.06
CA MET A 258 -13.15 -28.46 -8.34
C MET A 258 -14.46 -28.82 -9.07
N GLN A 259 -14.85 -30.08 -9.01
CA GLN A 259 -16.07 -30.52 -9.65
C GLN A 259 -17.27 -29.70 -9.15
N ARG A 260 -17.41 -29.62 -7.83
CA ARG A 260 -18.53 -28.88 -7.24
C ARG A 260 -18.52 -27.40 -7.55
N LEU A 261 -17.34 -26.81 -7.72
CA LEU A 261 -17.26 -25.40 -8.05
C LEU A 261 -17.61 -25.24 -9.51
N GLU A 262 -17.51 -26.33 -10.26
CA GLU A 262 -17.85 -26.32 -11.67
C GLU A 262 -19.36 -26.38 -11.83
N GLN A 263 -20.01 -27.18 -10.99
CA GLN A 263 -21.47 -27.29 -11.03
C GLN A 263 -22.00 -25.87 -10.94
N ALA A 264 -21.29 -25.04 -10.18
CA ALA A 264 -21.64 -23.64 -10.02
C ALA A 264 -20.84 -22.88 -11.08
N GLY A 265 -21.32 -21.71 -11.49
CA GLY A 265 -20.64 -20.94 -12.50
C GLY A 265 -19.17 -20.61 -12.24
N VAL A 266 -18.65 -21.02 -11.09
CA VAL A 266 -17.27 -20.72 -10.73
C VAL A 266 -16.26 -21.23 -11.77
N ASN A 267 -15.38 -20.32 -12.18
CA ASN A 267 -14.34 -20.59 -13.17
C ASN A 267 -13.02 -21.05 -12.55
N ILE A 268 -13.00 -22.30 -12.06
CA ILE A 268 -11.81 -22.85 -11.43
C ILE A 268 -10.67 -23.10 -12.41
N LYS A 269 -9.57 -22.39 -12.23
CA LYS A 269 -8.40 -22.59 -13.09
C LYS A 269 -7.72 -23.82 -12.52
N GLY A 270 -6.48 -23.68 -12.05
CA GLY A 270 -5.77 -24.83 -11.50
C GLY A 270 -5.82 -25.03 -9.99
N ALA A 271 -4.72 -25.56 -9.47
CA ALA A 271 -4.58 -25.83 -8.05
C ALA A 271 -3.15 -25.54 -7.59
N ILE A 272 -2.98 -25.42 -6.29
CA ILE A 272 -1.68 -25.16 -5.69
C ILE A 272 -1.37 -26.24 -4.66
N LEU A 273 -0.14 -26.76 -4.70
CA LEU A 273 0.31 -27.79 -3.77
C LEU A 273 1.14 -27.10 -2.69
N ASN A 274 0.52 -26.88 -1.54
CA ASN A 274 1.20 -26.20 -0.42
C ASN A 274 1.66 -27.18 0.65
N GLY A 275 2.83 -26.93 1.21
CA GLY A 275 3.34 -27.80 2.24
C GLY A 275 4.58 -28.55 1.83
N VAL A 276 4.55 -29.11 0.62
CA VAL A 276 5.65 -29.88 0.05
C VAL A 276 6.89 -29.91 0.93
N ILE A 277 7.14 -31.06 1.54
CA ILE A 277 8.28 -31.24 2.42
C ILE A 277 8.99 -32.52 1.96
N LYS A 278 10.28 -32.45 1.66
CA LYS A 278 11.00 -33.63 1.20
C LYS A 278 12.44 -33.76 1.69
N ARG A 279 13.02 -34.93 1.43
CA ARG A 279 14.40 -35.31 1.80
C ARG A 279 14.49 -35.99 3.17
N ALA A 280 14.24 -37.29 3.18
CA ALA A 280 14.30 -38.09 4.41
C ALA A 280 15.06 -39.39 4.14
N SER A 281 15.43 -39.60 2.88
CA SER A 281 16.18 -40.77 2.45
C SER A 281 15.61 -42.11 2.92
N THR A 282 14.33 -42.34 2.63
CA THR A 282 13.65 -43.59 3.01
C THR A 282 12.50 -43.90 2.05
N ALA A 283 11.29 -44.03 2.60
CA ALA A 283 10.11 -44.32 1.81
C ALA A 283 8.88 -44.49 2.71
N TYR A 284 8.16 -43.40 2.95
CA TYR A 284 6.97 -43.42 3.80
C TYR A 284 6.32 -42.04 3.86
N SER A 285 5.01 -42.01 4.08
CA SER A 285 4.26 -40.76 4.17
C SER A 285 2.95 -40.99 4.92
N TYR A 286 1.98 -40.11 4.73
CA TYR A 286 0.69 -40.27 5.41
C TYR A 286 -0.51 -39.87 4.56
N GLY A 287 -1.61 -40.61 4.72
CA GLY A 287 -2.82 -40.34 3.98
C GLY A 287 -3.79 -41.50 4.04
N TYR A 288 -4.84 -41.36 4.86
CA TYR A 288 -5.86 -42.40 5.02
C TYR A 288 -6.70 -42.58 3.77
N ASN A 289 -7.20 -43.79 3.57
CA ASN A 289 -8.01 -44.12 2.39
C ASN A 289 -9.52 -44.25 2.61
N TYR A 290 -10.28 -43.38 1.95
CA TYR A 290 -11.74 -43.38 2.01
C TYR A 290 -12.30 -43.95 0.71
N GLY B 25 21.39 33.25 6.02
CA GLY B 25 21.02 31.87 6.43
C GLY B 25 19.95 31.85 7.52
N VAL B 26 19.53 30.65 7.90
CA VAL B 26 18.51 30.50 8.94
C VAL B 26 18.60 29.19 9.69
N GLU B 27 18.71 29.29 11.01
CA GLU B 27 18.74 28.10 11.85
C GLU B 27 18.03 28.45 13.15
N ALA B 28 17.09 27.59 13.52
CA ALA B 28 16.28 27.81 14.70
C ALA B 28 16.04 26.44 15.38
N PRO B 29 14.77 26.05 15.65
CA PRO B 29 13.40 26.54 15.49
C PRO B 29 13.14 27.90 16.12
N GLU B 30 13.87 28.21 17.19
CA GLU B 30 13.72 29.49 17.88
C GLU B 30 13.71 30.69 16.93
N GLN B 31 14.63 30.71 15.97
CA GLN B 31 14.69 31.83 15.04
C GLN B 31 13.42 31.91 14.19
N LEU B 32 12.63 30.83 14.20
CA LEU B 32 11.38 30.80 13.45
C LEU B 32 10.21 31.15 14.37
N GLU B 33 10.23 30.59 15.58
CA GLU B 33 9.18 30.84 16.56
C GLU B 33 9.07 32.34 16.75
N GLU B 34 10.22 33.01 16.65
CA GLU B 34 10.32 34.45 16.80
C GLU B 34 9.31 35.20 15.96
N HIS B 35 9.36 34.99 14.64
CA HIS B 35 8.44 35.66 13.72
C HIS B 35 7.03 35.06 13.82
N GLY B 36 6.79 34.30 14.88
CA GLY B 36 5.48 33.69 15.08
C GLY B 36 5.26 32.40 14.31
N ILE B 37 6.15 32.12 13.36
CA ILE B 37 6.03 30.92 12.53
C ILE B 37 6.14 29.70 13.42
N SER B 38 5.09 28.89 13.44
CA SER B 38 5.02 27.67 14.23
C SER B 38 5.74 26.52 13.53
N VAL B 39 6.78 25.96 14.17
CA VAL B 39 7.56 24.86 13.58
C VAL B 39 7.16 23.47 14.10
N TYR B 40 6.55 22.67 13.22
CA TYR B 40 6.09 21.32 13.53
C TYR B 40 7.19 20.28 13.62
N ALA B 41 8.35 20.56 13.05
CA ALA B 41 9.44 19.61 13.10
C ALA B 41 10.79 20.18 12.67
N THR B 42 11.85 19.50 13.09
CA THR B 42 13.23 19.86 12.76
C THR B 42 13.91 18.59 12.30
N ILE B 43 14.13 18.47 11.00
CA ILE B 43 14.75 17.26 10.45
C ILE B 43 16.25 17.37 10.18
N PRO B 44 17.07 16.61 10.91
CA PRO B 44 18.52 16.66 10.69
C PRO B 44 18.90 16.01 9.37
N MET B 45 20.08 16.37 8.86
CA MET B 45 20.59 15.81 7.61
C MET B 45 21.05 14.39 7.85
N SER B 46 20.98 13.56 6.82
CA SER B 46 21.38 12.16 6.96
C SER B 46 22.69 11.85 6.24
N GLU B 47 23.76 11.72 7.02
CA GLU B 47 25.09 11.43 6.48
C GLU B 47 25.09 10.06 5.82
N TRP B 48 24.23 9.17 6.29
CA TRP B 48 24.11 7.82 5.77
C TRP B 48 23.67 7.85 4.30
N LEU B 49 22.91 8.88 3.93
CA LEU B 49 22.45 9.03 2.55
C LEU B 49 23.38 9.91 1.75
N ASP B 50 24.02 10.86 2.43
CA ASP B 50 24.95 11.76 1.78
C ASP B 50 25.96 10.93 1.00
N LYS B 51 26.29 9.77 1.56
CA LYS B 51 27.24 8.85 0.95
C LYS B 51 26.51 7.96 -0.05
N ARG B 52 25.18 7.91 0.08
CA ARG B 52 24.31 7.09 -0.77
C ARG B 52 24.22 5.66 -0.22
N THR B 53 25.15 5.33 0.67
CA THR B 53 25.22 4.01 1.30
C THR B 53 25.03 2.85 0.31
N ARG B 54 25.04 1.63 0.85
CA ARG B 54 24.87 0.42 0.06
C ARG B 54 25.21 -0.80 0.90
N LEU B 55 24.77 -0.78 2.16
CA LEU B 55 25.02 -1.86 3.10
C LEU B 55 24.76 -3.23 2.46
N GLN B 65 22.93 -16.14 -7.46
CA GLN B 65 21.49 -15.72 -7.46
C GLN B 65 21.28 -14.55 -8.40
N ARG B 66 20.13 -13.91 -8.30
CA ARG B 66 19.80 -12.75 -9.14
C ARG B 66 18.42 -12.19 -8.78
N HIS B 67 17.64 -11.83 -9.80
CA HIS B 67 16.31 -11.28 -9.60
C HIS B 67 16.27 -10.25 -8.48
N ARG B 68 16.71 -9.03 -8.79
CA ARG B 68 16.75 -7.95 -7.80
C ARG B 68 15.44 -7.15 -7.76
N THR B 69 15.48 -6.02 -7.05
CA THR B 69 14.32 -5.15 -6.92
C THR B 69 14.08 -4.33 -8.18
N LYS B 70 13.56 -3.12 -8.00
CA LYS B 70 13.30 -2.20 -9.10
C LYS B 70 13.15 -0.78 -8.54
N ASN B 71 14.15 -0.32 -7.80
CA ASN B 71 14.09 1.00 -7.20
C ASN B 71 15.47 1.60 -6.94
N ILE B 72 15.61 2.26 -5.79
CA ILE B 72 16.84 2.92 -5.38
C ILE B 72 16.71 3.24 -3.88
N PRO B 73 17.79 3.71 -3.22
CA PRO B 73 17.72 4.02 -1.79
C PRO B 73 16.57 4.92 -1.32
N PHE B 74 15.71 4.37 -0.47
CA PHE B 74 14.58 5.09 0.09
C PHE B 74 14.70 5.00 1.61
N LEU B 75 15.50 5.90 2.18
CA LEU B 75 15.78 5.96 3.61
C LEU B 75 14.71 5.40 4.54
N ALA B 76 13.49 5.89 4.40
CA ALA B 76 12.39 5.44 5.26
C ALA B 76 12.37 3.93 5.49
N VAL B 77 12.57 3.13 4.44
CA VAL B 77 12.55 1.68 4.63
C VAL B 77 13.93 1.04 4.70
N ASP B 78 14.96 1.78 4.27
CA ASP B 78 16.32 1.27 4.30
C ASP B 78 16.89 1.36 5.71
N ASN B 79 17.16 2.59 6.17
CA ASN B 79 17.68 2.81 7.51
C ASN B 79 16.56 3.46 8.32
N PRO B 80 15.61 2.66 8.82
CA PRO B 80 14.46 3.12 9.61
C PRO B 80 14.80 3.88 10.89
N ALA B 81 15.83 3.41 11.60
CA ALA B 81 16.24 4.04 12.85
C ALA B 81 17.12 5.28 12.65
N ASP B 82 17.27 5.69 11.39
CA ASP B 82 18.07 6.87 11.07
C ASP B 82 17.45 8.09 11.76
N SER B 83 18.28 9.04 12.15
CA SER B 83 17.81 10.24 12.85
C SER B 83 16.87 11.12 12.04
N ALA B 84 17.02 11.10 10.72
CA ALA B 84 16.19 11.91 9.83
C ALA B 84 14.77 11.34 9.80
N VAL B 85 14.67 10.02 9.90
CA VAL B 85 13.39 9.33 9.89
C VAL B 85 12.70 9.48 11.25
N GLU B 86 13.49 9.49 12.33
CA GLU B 86 12.94 9.64 13.66
C GLU B 86 12.33 11.03 13.77
N ALA B 87 12.94 11.98 13.09
CA ALA B 87 12.46 13.35 13.09
C ALA B 87 11.08 13.41 12.43
N VAL B 88 10.94 12.68 11.33
CA VAL B 88 9.69 12.62 10.59
C VAL B 88 8.60 12.00 11.46
N ARG B 89 8.97 10.97 12.22
CA ARG B 89 8.02 10.30 13.11
C ARG B 89 7.46 11.35 14.07
N ALA B 90 8.33 12.24 14.50
CA ALA B 90 7.93 13.30 15.42
C ALA B 90 6.94 14.19 14.68
N LEU B 91 7.23 14.44 13.41
CA LEU B 91 6.36 15.26 12.57
C LEU B 91 4.99 14.61 12.53
N ARG B 92 4.99 13.28 12.43
CA ARG B 92 3.76 12.49 12.39
C ARG B 92 2.92 12.77 13.62
N THR B 93 3.58 12.73 14.78
CA THR B 93 2.93 12.98 16.05
C THR B 93 2.36 14.40 16.13
N SER B 94 3.16 15.40 15.75
CA SER B 94 2.68 16.77 15.77
C SER B 94 1.51 16.92 14.80
N LEU B 95 1.63 16.29 13.65
CA LEU B 95 0.58 16.34 12.64
C LEU B 95 -0.68 15.67 13.16
N HIS B 96 -0.50 14.61 13.94
CA HIS B 96 -1.63 13.88 14.50
C HIS B 96 -2.47 14.77 15.44
N PHE B 97 -1.79 15.56 16.26
CA PHE B 97 -2.48 16.45 17.18
C PHE B 97 -3.10 17.59 16.39
N ALA B 98 -2.30 18.20 15.53
CA ALA B 98 -2.78 19.30 14.71
C ALA B 98 -3.99 18.86 13.88
N MET B 99 -3.83 17.75 13.14
CA MET B 99 -4.92 17.22 12.31
C MET B 99 -5.91 16.47 13.17
N MET B 100 -6.18 17.00 14.35
CA MET B 100 -7.11 16.39 15.30
C MET B 100 -8.54 16.74 14.89
N GLU B 101 -9.33 15.71 14.66
CA GLU B 101 -10.74 15.87 14.29
C GLU B 101 -11.03 17.14 13.48
N THR B 102 -10.31 17.31 12.37
CA THR B 102 -10.50 18.45 11.50
C THR B 102 -11.07 17.95 10.16
N GLU B 103 -11.41 16.67 10.16
CA GLU B 103 -12.01 15.96 9.02
C GLU B 103 -11.31 15.95 7.67
N ASN B 104 -11.01 17.11 7.08
CA ASN B 104 -10.33 17.13 5.79
C ASN B 104 -8.94 16.53 5.98
N ASN B 105 -8.65 15.47 5.23
CA ASN B 105 -7.38 14.78 5.37
C ASN B 105 -6.33 15.04 4.31
N ILE B 106 -6.34 16.23 3.72
CA ILE B 106 -5.37 16.58 2.70
C ILE B 106 -4.28 17.43 3.35
N LEU B 107 -3.04 17.10 3.09
CA LEU B 107 -1.92 17.84 3.65
C LEU B 107 -1.02 18.29 2.52
N MET B 108 -0.86 19.61 2.38
CA MET B 108 -0.01 20.16 1.33
C MET B 108 1.33 20.56 1.88
N ILE B 109 2.38 20.00 1.30
CA ILE B 109 3.74 20.30 1.72
C ILE B 109 4.46 21.06 0.62
N THR B 110 4.70 22.35 0.87
CA THR B 110 5.39 23.19 -0.10
C THR B 110 6.68 23.72 0.53
N GLY B 111 7.53 24.34 -0.26
CA GLY B 111 8.76 24.90 0.28
C GLY B 111 8.78 26.40 0.03
N ALA B 112 9.74 27.11 0.61
CA ALA B 112 9.81 28.55 0.38
C ALA B 112 10.44 28.78 -0.98
N THR B 113 11.54 28.06 -1.23
CA THR B 113 12.28 28.17 -2.48
C THR B 113 12.75 26.80 -2.99
N PRO B 114 13.33 26.77 -4.19
CA PRO B 114 13.84 25.53 -4.79
C PRO B 114 14.83 24.77 -3.87
N ASP B 115 14.85 23.46 -4.01
CA ASP B 115 15.69 22.55 -3.22
C ASP B 115 15.71 22.88 -1.72
N SER B 116 14.57 22.66 -1.09
CA SER B 116 14.41 22.90 0.34
C SER B 116 14.32 21.53 0.99
N GLY B 117 14.30 20.49 0.15
CA GLY B 117 14.19 19.13 0.65
C GLY B 117 12.76 18.72 0.89
N LYS B 118 11.83 19.45 0.29
CA LYS B 118 10.39 19.21 0.42
C LYS B 118 9.99 17.79 0.03
N THR B 119 10.63 17.21 -0.98
CA THR B 119 10.27 15.86 -1.38
C THR B 119 10.82 14.78 -0.46
N PHE B 120 12.01 14.99 0.10
CA PHE B 120 12.54 13.98 1.00
C PHE B 120 11.64 13.94 2.21
N VAL B 121 11.19 15.10 2.64
CA VAL B 121 10.31 15.21 3.80
C VAL B 121 8.95 14.55 3.60
N SER B 122 8.25 14.93 2.53
CA SER B 122 6.93 14.39 2.27
C SER B 122 6.93 12.88 1.95
N SER B 123 7.90 12.46 1.13
CA SER B 123 8.02 11.05 0.77
C SER B 123 8.31 10.20 2.01
N THR B 124 9.19 10.70 2.88
CA THR B 124 9.52 9.99 4.13
C THR B 124 8.29 9.90 5.05
N LEU B 125 7.58 11.01 5.18
CA LEU B 125 6.37 11.06 6.02
C LEU B 125 5.31 10.10 5.46
N ALA B 126 5.22 10.03 4.14
CA ALA B 126 4.28 9.14 3.48
C ALA B 126 4.54 7.71 3.91
N ALA B 127 5.80 7.29 3.77
CA ALA B 127 6.22 5.94 4.14
C ALA B 127 5.94 5.67 5.63
N VAL B 128 6.42 6.56 6.49
CA VAL B 128 6.22 6.43 7.92
C VAL B 128 4.74 6.26 8.25
N ILE B 129 3.89 7.16 7.79
CA ILE B 129 2.46 7.05 8.06
C ILE B 129 1.85 5.77 7.45
N ALA B 130 2.38 5.30 6.33
CA ALA B 130 1.84 4.08 5.73
C ALA B 130 2.15 2.87 6.62
N GLN B 131 3.35 2.85 7.18
CA GLN B 131 3.80 1.77 8.03
C GLN B 131 2.99 1.63 9.32
N SER B 132 2.20 2.64 9.64
CA SER B 132 1.37 2.63 10.83
C SER B 132 0.00 2.10 10.47
N ASP B 133 -0.07 1.37 9.36
CA ASP B 133 -1.33 0.80 8.89
C ASP B 133 -2.33 1.91 8.53
N GLN B 134 -1.93 2.74 7.57
CA GLN B 134 -2.75 3.86 7.12
C GLN B 134 -2.74 3.92 5.59
N LYS B 135 -3.89 4.20 4.98
CA LYS B 135 -3.98 4.30 3.52
C LYS B 135 -3.53 5.70 3.15
N VAL B 136 -2.44 5.83 2.42
CA VAL B 136 -2.00 7.16 2.04
C VAL B 136 -1.80 7.34 0.55
N LEU B 137 -2.13 8.54 0.06
CA LEU B 137 -1.99 8.88 -1.35
C LEU B 137 -0.99 10.00 -1.46
N PHE B 138 0.02 9.80 -2.27
CA PHE B 138 1.02 10.82 -2.45
C PHE B 138 0.91 11.41 -3.85
N ILE B 139 0.76 12.72 -3.97
CA ILE B 139 0.70 13.25 -5.31
C ILE B 139 1.69 14.37 -5.57
N ASP B 140 2.35 14.29 -6.72
CA ASP B 140 3.34 15.29 -7.09
C ASP B 140 2.66 16.38 -7.92
N ALA B 141 2.39 17.51 -7.28
CA ALA B 141 1.72 18.61 -7.94
C ALA B 141 2.68 19.65 -8.51
N ASP B 142 3.93 19.23 -8.75
CA ASP B 142 4.90 20.12 -9.36
C ASP B 142 4.94 19.69 -10.82
N LEU B 143 3.89 20.07 -11.55
CA LEU B 143 3.74 19.73 -12.96
C LEU B 143 4.91 20.14 -13.86
N ARG B 144 5.85 20.91 -13.32
CA ARG B 144 6.99 21.34 -14.14
C ARG B 144 8.32 20.68 -13.78
N ARG B 145 8.55 20.38 -12.52
CA ARG B 145 9.83 19.79 -12.15
C ARG B 145 9.79 18.65 -11.15
N GLY B 146 8.60 18.15 -10.87
CA GLY B 146 8.49 17.04 -9.94
C GLY B 146 9.38 15.92 -10.44
N TYR B 147 9.99 15.17 -9.53
CA TYR B 147 10.85 14.05 -9.94
C TYR B 147 10.52 12.82 -9.10
N SER B 148 9.47 12.91 -8.32
CA SER B 148 9.08 11.82 -7.46
C SER B 148 8.92 10.49 -8.20
N HIS B 149 8.64 10.55 -9.50
CA HIS B 149 8.48 9.31 -10.26
C HIS B 149 9.84 8.67 -10.44
N ASN B 150 10.88 9.52 -10.48
CA ASN B 150 12.23 9.04 -10.60
C ASN B 150 12.70 8.48 -9.26
N LEU B 151 12.23 9.09 -8.17
CA LEU B 151 12.58 8.66 -6.82
C LEU B 151 11.93 7.32 -6.49
N PHE B 152 10.65 7.20 -6.80
CA PHE B 152 9.88 5.98 -6.57
C PHE B 152 10.09 5.05 -7.76
N THR B 153 10.96 5.47 -8.68
CA THR B 153 11.24 4.72 -9.91
C THR B 153 9.98 3.98 -10.38
N VAL B 154 9.01 4.77 -10.82
CA VAL B 154 7.75 4.28 -11.31
C VAL B 154 7.51 4.97 -12.65
N SER B 155 6.48 4.54 -13.37
CA SER B 155 6.19 5.12 -14.69
C SER B 155 5.69 6.56 -14.63
N ASN B 156 5.98 7.35 -15.66
CA ASN B 156 5.52 8.74 -15.68
C ASN B 156 4.72 9.09 -16.94
N GLU B 157 4.09 8.10 -17.57
CA GLU B 157 3.31 8.37 -18.78
C GLU B 157 1.90 8.88 -18.50
N HIS B 158 1.29 8.40 -17.43
CA HIS B 158 -0.03 8.83 -17.02
C HIS B 158 0.11 9.40 -15.62
N GLY B 159 -0.08 10.71 -15.50
CA GLY B 159 0.07 11.35 -14.20
C GLY B 159 -0.91 12.46 -13.98
N LEU B 160 -0.57 13.37 -13.08
CA LEU B 160 -1.48 14.47 -12.76
C LEU B 160 -1.89 15.28 -13.99
N SER B 161 -0.91 15.69 -14.81
CA SER B 161 -1.21 16.48 -16.01
C SER B 161 -2.19 15.81 -16.98
N GLU B 162 -2.01 14.51 -17.22
CA GLU B 162 -2.90 13.76 -18.13
C GLU B 162 -4.31 13.72 -17.55
N TYR B 163 -4.40 13.53 -16.24
CA TYR B 163 -5.69 13.46 -15.56
C TYR B 163 -6.42 14.81 -15.53
N LEU B 164 -5.68 15.85 -15.19
CA LEU B 164 -6.23 17.20 -15.11
C LEU B 164 -6.70 17.67 -16.50
N ALA B 165 -6.00 17.23 -17.54
CA ALA B 165 -6.36 17.62 -18.91
C ALA B 165 -7.56 16.83 -19.41
N GLY B 166 -8.02 15.87 -18.61
CA GLY B 166 -9.15 15.07 -19.04
C GLY B 166 -8.76 13.93 -20.00
N LYS B 167 -7.47 13.74 -20.22
CA LYS B 167 -6.99 12.67 -21.09
C LYS B 167 -7.10 11.30 -20.46
N ASP B 168 -6.53 11.15 -19.25
CA ASP B 168 -6.57 9.88 -18.55
C ASP B 168 -7.64 9.82 -17.48
N GLU B 169 -7.78 8.63 -16.88
CA GLU B 169 -8.77 8.46 -15.83
C GLU B 169 -8.10 8.32 -14.48
N LEU B 170 -8.83 8.58 -13.42
CA LEU B 170 -8.27 8.53 -12.08
C LEU B 170 -7.51 7.24 -11.72
N ASN B 171 -8.16 6.10 -11.87
CA ASN B 171 -7.53 4.82 -11.54
C ASN B 171 -6.33 4.55 -12.44
N LYS B 172 -6.26 5.27 -13.55
CA LYS B 172 -5.18 5.11 -14.49
C LYS B 172 -3.90 5.80 -14.01
N VAL B 173 -4.06 6.89 -13.28
CA VAL B 173 -2.92 7.66 -12.79
C VAL B 173 -2.46 7.37 -11.37
N ILE B 174 -3.23 6.57 -10.65
CA ILE B 174 -2.85 6.18 -9.30
C ILE B 174 -2.08 4.87 -9.39
N GLN B 175 -0.81 4.92 -9.02
CA GLN B 175 0.06 3.76 -9.03
C GLN B 175 0.42 3.45 -7.59
N HIS B 176 1.12 2.33 -7.40
CA HIS B 176 1.55 1.93 -6.06
C HIS B 176 3.05 1.82 -5.95
N PHE B 177 3.60 2.42 -4.91
CA PHE B 177 5.05 2.38 -4.65
C PHE B 177 5.39 1.23 -3.67
N GLY B 178 5.81 0.10 -4.25
CA GLY B 178 6.14 -1.08 -3.48
C GLY B 178 6.95 -0.90 -2.22
N LYS B 179 8.18 -0.40 -2.32
CA LYS B 179 9.01 -0.22 -1.13
C LYS B 179 8.32 0.59 -0.04
N GLY B 180 7.85 1.77 -0.39
CA GLY B 180 7.17 2.62 0.59
C GLY B 180 5.83 2.08 1.07
N GLY B 181 5.10 1.38 0.20
CA GLY B 181 3.82 0.85 0.62
C GLY B 181 2.65 1.81 0.54
N PHE B 182 2.79 2.87 -0.25
CA PHE B 182 1.71 3.82 -0.42
C PHE B 182 1.47 4.10 -1.91
N ASP B 183 0.28 4.62 -2.20
CA ASP B 183 -0.14 4.93 -3.56
C ASP B 183 0.34 6.31 -4.00
N VAL B 184 0.80 6.42 -5.24
CA VAL B 184 1.31 7.69 -5.74
C VAL B 184 0.74 8.08 -7.10
N ILE B 185 0.78 9.38 -7.38
CA ILE B 185 0.34 9.93 -8.66
C ILE B 185 1.49 10.83 -9.01
N THR B 186 2.14 10.57 -10.14
CA THR B 186 3.28 11.36 -10.59
C THR B 186 2.78 12.61 -11.35
N ARG B 187 3.69 13.47 -11.78
CA ARG B 187 3.31 14.69 -12.51
C ARG B 187 2.67 14.37 -13.84
N GLY B 188 3.32 13.48 -14.59
CA GLY B 188 2.87 13.11 -15.91
C GLY B 188 3.77 13.90 -16.85
N GLN B 189 3.44 13.91 -18.14
CA GLN B 189 4.26 14.66 -19.09
C GLN B 189 3.98 16.13 -18.90
N VAL B 190 5.03 16.95 -18.94
CA VAL B 190 4.87 18.39 -18.78
C VAL B 190 3.85 18.99 -19.74
N PRO B 191 2.77 19.56 -19.19
CA PRO B 191 1.76 20.15 -20.06
C PRO B 191 2.20 21.55 -20.52
N PRO B 192 1.56 22.09 -21.56
CA PRO B 192 1.91 23.43 -22.07
C PRO B 192 1.27 24.52 -21.22
N ASN B 193 0.28 24.14 -20.41
CA ASN B 193 -0.46 25.07 -19.57
C ASN B 193 -0.54 24.56 -18.15
N PRO B 194 0.62 24.42 -17.48
CA PRO B 194 0.66 23.92 -16.11
C PRO B 194 -0.37 24.54 -15.15
N SER B 195 -0.29 25.85 -14.95
CA SER B 195 -1.18 26.57 -14.03
C SER B 195 -2.67 26.47 -14.34
N GLU B 196 -2.98 26.62 -15.63
CA GLU B 196 -4.33 26.55 -16.11
C GLU B 196 -4.99 25.21 -15.78
N LEU B 197 -4.19 24.14 -15.73
CA LEU B 197 -4.74 22.82 -15.42
C LEU B 197 -4.99 22.65 -13.92
N LEU B 198 -4.17 23.27 -13.09
CA LEU B 198 -4.33 23.18 -11.65
C LEU B 198 -5.58 23.91 -11.16
N MET B 199 -6.04 24.89 -11.94
CA MET B 199 -7.23 25.68 -11.60
C MET B 199 -8.43 25.00 -12.19
N ARG B 200 -8.15 23.99 -13.00
CA ARG B 200 -9.18 23.29 -13.71
C ARG B 200 -10.48 23.06 -12.98
N ASP B 201 -10.61 21.92 -12.33
CA ASP B 201 -11.85 21.58 -11.63
C ASP B 201 -11.69 20.14 -11.18
N ARG B 202 -10.95 19.39 -11.99
CA ARG B 202 -10.64 18.02 -11.70
C ARG B 202 -9.65 18.00 -10.53
N MET B 203 -8.91 19.09 -10.34
CA MET B 203 -7.97 19.15 -9.22
C MET B 203 -8.78 18.99 -7.95
N ARG B 204 -9.79 19.84 -7.80
CA ARG B 204 -10.67 19.80 -6.65
C ARG B 204 -11.34 18.43 -6.59
N GLN B 205 -12.00 18.08 -7.69
CA GLN B 205 -12.70 16.82 -7.79
C GLN B 205 -11.83 15.67 -7.32
N LEU B 206 -10.57 15.70 -7.75
CA LEU B 206 -9.60 14.67 -7.36
C LEU B 206 -9.42 14.67 -5.85
N LEU B 207 -8.96 15.79 -5.32
CA LEU B 207 -8.72 15.91 -3.90
C LEU B 207 -9.89 15.48 -3.03
N GLU B 208 -11.11 15.85 -3.39
CA GLU B 208 -12.21 15.43 -2.53
C GLU B 208 -12.53 13.98 -2.69
N TRP B 209 -12.30 13.44 -3.88
CA TRP B 209 -12.55 12.03 -4.09
C TRP B 209 -11.55 11.29 -3.21
N ALA B 210 -10.29 11.67 -3.35
CA ALA B 210 -9.20 11.08 -2.60
C ALA B 210 -9.43 11.12 -1.11
N ASN B 211 -9.98 12.24 -0.62
CA ASN B 211 -10.25 12.40 0.80
C ASN B 211 -11.16 11.32 1.37
N ASP B 212 -11.97 10.69 0.53
CA ASP B 212 -12.89 9.64 0.97
C ASP B 212 -12.35 8.21 0.84
N HIS B 213 -11.17 8.05 0.24
CA HIS B 213 -10.61 6.71 0.07
C HIS B 213 -9.25 6.54 0.71
N TYR B 214 -8.71 7.63 1.25
CA TYR B 214 -7.42 7.57 1.91
C TYR B 214 -7.50 8.20 3.27
N ASP B 215 -6.69 7.68 4.18
CA ASP B 215 -6.67 8.23 5.53
C ASP B 215 -5.84 9.51 5.51
N LEU B 216 -4.87 9.57 4.62
CA LEU B 216 -4.01 10.73 4.50
C LEU B 216 -3.63 10.98 3.04
N VAL B 217 -3.72 12.26 2.63
CA VAL B 217 -3.40 12.66 1.27
C VAL B 217 -2.31 13.73 1.30
N ILE B 218 -1.14 13.38 0.82
CA ILE B 218 -0.02 14.30 0.80
C ILE B 218 0.16 14.88 -0.61
N VAL B 219 0.07 16.19 -0.73
CA VAL B 219 0.21 16.84 -2.01
C VAL B 219 1.47 17.70 -2.04
N ASP B 220 2.43 17.31 -2.87
CA ASP B 220 3.69 18.02 -3.03
C ASP B 220 3.47 19.16 -4.01
N THR B 221 3.82 20.38 -3.62
CA THR B 221 3.62 21.52 -4.52
C THR B 221 4.91 22.32 -4.73
N PRO B 222 5.06 22.94 -5.91
CA PRO B 222 6.26 23.73 -6.22
C PRO B 222 6.47 24.87 -5.22
N PRO B 223 7.73 25.30 -5.03
CA PRO B 223 8.05 26.38 -4.09
C PRO B 223 7.12 27.58 -4.22
N MET B 224 6.68 28.09 -3.07
CA MET B 224 5.76 29.23 -3.04
C MET B 224 6.32 30.48 -3.72
N LEU B 225 7.63 30.67 -3.67
CA LEU B 225 8.25 31.84 -4.28
C LEU B 225 8.74 31.55 -5.69
N ALA B 226 8.12 30.58 -6.36
CA ALA B 226 8.53 30.22 -7.71
C ALA B 226 7.33 30.30 -8.66
N VAL B 227 6.16 29.95 -8.14
CA VAL B 227 4.91 29.96 -8.89
C VAL B 227 3.78 30.13 -7.91
N SER B 228 2.57 30.36 -8.42
CA SER B 228 1.39 30.56 -7.57
C SER B 228 0.68 29.23 -7.32
N ASP B 229 1.16 28.18 -7.98
CA ASP B 229 0.56 26.85 -7.85
C ASP B 229 0.17 26.41 -6.44
N ALA B 230 1.09 26.53 -5.48
CA ALA B 230 0.79 26.11 -4.10
C ALA B 230 -0.45 26.82 -3.53
N ALA B 231 -0.64 28.09 -3.87
CA ALA B 231 -1.79 28.85 -3.38
C ALA B 231 -3.09 28.48 -4.09
N VAL B 232 -3.00 28.04 -5.35
CA VAL B 232 -4.20 27.66 -6.08
C VAL B 232 -4.66 26.27 -5.62
N VAL B 233 -3.71 25.41 -5.27
CA VAL B 233 -4.04 24.07 -4.78
C VAL B 233 -4.30 24.15 -3.28
N GLY B 234 -3.59 25.04 -2.61
CA GLY B 234 -3.76 25.19 -1.17
C GLY B 234 -5.18 25.50 -0.74
N ARG B 235 -6.01 25.94 -1.69
CA ARG B 235 -7.39 26.29 -1.38
C ARG B 235 -8.33 25.11 -1.30
N SER B 236 -7.79 23.90 -1.31
CA SER B 236 -8.60 22.69 -1.24
C SER B 236 -7.98 21.69 -0.26
N VAL B 237 -6.84 22.07 0.28
CA VAL B 237 -6.15 21.24 1.24
C VAL B 237 -6.64 21.71 2.62
N GLY B 238 -6.64 20.82 3.61
CA GLY B 238 -7.09 21.18 4.94
C GLY B 238 -5.96 21.64 5.84
N THR B 239 -4.74 21.25 5.51
CA THR B 239 -3.58 21.63 6.31
C THR B 239 -2.45 21.95 5.34
N SER B 240 -1.56 22.84 5.75
CA SER B 240 -0.41 23.18 4.91
C SER B 240 0.82 23.32 5.76
N LEU B 241 1.95 22.91 5.20
CA LEU B 241 3.22 23.02 5.90
C LEU B 241 4.23 23.58 4.92
N LEU B 242 5.13 24.39 5.44
CA LEU B 242 6.16 24.99 4.63
C LEU B 242 7.51 24.44 5.08
N VAL B 243 8.27 23.89 4.16
CA VAL B 243 9.57 23.35 4.53
C VAL B 243 10.70 24.30 4.12
N ALA B 244 11.42 24.77 5.13
CA ALA B 244 12.56 25.68 4.94
C ALA B 244 13.84 24.89 5.13
N ARG B 245 14.86 25.21 4.33
CA ARG B 245 16.12 24.49 4.49
C ARG B 245 17.09 25.22 5.40
N PHE B 246 17.80 24.41 6.18
CA PHE B 246 18.80 24.88 7.12
C PHE B 246 19.91 25.64 6.39
N GLY B 247 20.07 26.92 6.72
CA GLY B 247 21.11 27.72 6.11
C GLY B 247 20.86 28.37 4.75
N LEU B 248 20.01 27.77 3.94
CA LEU B 248 19.72 28.32 2.61
C LEU B 248 18.60 29.36 2.67
N ASN B 249 17.61 29.11 3.51
CA ASN B 249 16.50 30.03 3.64
C ASN B 249 16.76 31.09 4.70
N THR B 250 15.89 32.08 4.76
CA THR B 250 16.00 33.15 5.74
C THR B 250 14.63 33.29 6.36
N ALA B 251 14.59 33.58 7.66
CA ALA B 251 13.32 33.75 8.35
C ALA B 251 12.46 34.78 7.63
N LYS B 252 13.04 35.48 6.67
CA LYS B 252 12.31 36.49 5.90
C LYS B 252 11.42 35.82 4.85
N GLU B 253 12.05 35.30 3.80
CA GLU B 253 11.34 34.63 2.70
C GLU B 253 10.31 33.59 3.16
N VAL B 254 10.55 32.95 4.29
CA VAL B 254 9.61 31.95 4.79
C VAL B 254 8.28 32.63 5.18
N SER B 255 8.34 33.59 6.10
CA SER B 255 7.14 34.29 6.55
C SER B 255 6.51 35.07 5.40
N LEU B 256 7.26 35.25 4.32
CA LEU B 256 6.79 35.95 3.15
C LEU B 256 5.92 34.99 2.34
N SER B 257 6.31 33.72 2.38
CA SER B 257 5.57 32.68 1.66
C SER B 257 4.27 32.39 2.41
N MET B 258 4.38 32.24 3.72
CA MET B 258 3.22 31.97 4.56
C MET B 258 2.23 33.11 4.43
N GLN B 259 2.77 34.32 4.28
CA GLN B 259 1.94 35.51 4.15
C GLN B 259 1.16 35.49 2.84
N ARG B 260 1.85 35.25 1.72
CA ARG B 260 1.16 35.22 0.43
C ARG B 260 0.21 34.04 0.30
N LEU B 261 0.38 33.04 1.17
CA LEU B 261 -0.52 31.88 1.16
C LEU B 261 -1.75 32.32 1.96
N GLU B 262 -1.50 33.24 2.89
CA GLU B 262 -2.54 33.80 3.75
C GLU B 262 -3.53 34.58 2.89
N GLN B 263 -2.98 35.47 2.06
CA GLN B 263 -3.74 36.30 1.14
C GLN B 263 -4.66 35.46 0.26
N ALA B 264 -4.21 34.26 -0.08
CA ALA B 264 -4.98 33.36 -0.92
C ALA B 264 -5.99 32.54 -0.11
N GLY B 265 -5.99 32.70 1.20
CA GLY B 265 -6.92 31.96 2.06
C GLY B 265 -6.54 30.49 2.16
N VAL B 266 -5.29 30.25 2.57
CA VAL B 266 -4.76 28.89 2.69
C VAL B 266 -4.23 28.58 4.09
N ASN B 267 -4.80 27.57 4.73
CA ASN B 267 -4.39 27.15 6.07
C ASN B 267 -2.91 26.73 6.20
N ILE B 268 -2.03 27.69 6.47
CA ILE B 268 -0.61 27.37 6.63
C ILE B 268 -0.33 27.20 8.12
N LYS B 269 -0.52 25.98 8.64
CA LYS B 269 -0.29 25.71 10.06
C LYS B 269 1.12 25.97 10.60
N GLY B 270 2.13 25.88 9.74
CA GLY B 270 3.48 26.12 10.23
C GLY B 270 4.61 25.84 9.27
N ALA B 271 5.77 25.47 9.81
CA ALA B 271 6.96 25.22 8.99
C ALA B 271 7.82 24.07 9.49
N ILE B 272 8.75 23.63 8.64
CA ILE B 272 9.64 22.54 8.97
C ILE B 272 11.09 22.89 8.65
N LEU B 273 11.97 22.75 9.64
CA LEU B 273 13.38 23.04 9.42
C LEU B 273 14.05 21.74 9.01
N ASN B 274 14.41 21.66 7.73
CA ASN B 274 15.05 20.46 7.20
C ASN B 274 16.51 20.70 6.83
N GLY B 275 17.31 19.63 6.87
CA GLY B 275 18.71 19.74 6.54
C GLY B 275 19.63 19.87 7.74
N VAL B 276 19.10 20.41 8.84
CA VAL B 276 19.87 20.62 10.07
C VAL B 276 21.04 19.66 10.21
N ILE B 277 22.25 20.20 10.15
CA ILE B 277 23.46 19.39 10.26
C ILE B 277 24.30 19.81 11.48
N LYS B 278 24.05 19.17 12.61
CA LYS B 278 24.75 19.45 13.86
C LYS B 278 26.23 19.11 13.70
N ARG B 279 26.99 19.23 14.80
CA ARG B 279 28.42 18.93 14.84
C ARG B 279 29.20 19.52 13.66
N ALA B 280 28.90 20.76 13.29
CA ALA B 280 29.60 21.41 12.17
C ALA B 280 29.72 22.92 12.33
N SER B 281 30.14 23.59 11.25
CA SER B 281 30.32 25.04 11.24
C SER B 281 29.66 25.69 10.03
N THR B 282 30.43 26.50 9.28
CA THR B 282 29.91 27.19 8.09
C THR B 282 31.04 27.77 7.24
N ALA B 283 30.73 28.12 5.98
CA ALA B 283 31.74 28.69 5.08
C ALA B 283 31.16 29.28 3.80
N TYR B 284 29.95 29.85 3.88
CA TYR B 284 29.29 30.46 2.73
C TYR B 284 29.15 31.98 2.86
N SER B 285 28.09 32.54 2.26
CA SER B 285 27.85 33.98 2.33
C SER B 285 26.72 34.46 1.40
N TYR B 286 25.85 35.32 1.93
CA TYR B 286 24.72 35.90 1.18
C TYR B 286 23.72 36.61 2.09
N GLY B 287 22.98 37.55 1.52
CA GLY B 287 21.97 38.30 2.28
C GLY B 287 21.08 39.15 1.37
N TYR B 288 20.03 39.74 1.96
CA TYR B 288 19.11 40.59 1.20
C TYR B 288 18.72 41.81 2.04
CL CL C . -15.85 5.67 -6.28
CL CL D . -6.28 -22.23 6.18
CL CL E . 12.74 21.77 -5.01
#